data_1U5Q
#
_entry.id   1U5Q
#
_cell.length_a   186.220
_cell.length_b   186.220
_cell.length_c   94.506
_cell.angle_alpha   90.00
_cell.angle_beta   90.00
_cell.angle_gamma   120.00
#
_symmetry.space_group_name_H-M   'P 65 2 2'
#
loop_
_entity.id
_entity.type
_entity.pdbx_description
1 polymer 'serine/threonine protein kinase TAO2'
2 non-polymer 'CALCIUM ION'
3 water water
#
_entity_poly.entity_id   1
_entity_poly.type   'polypeptide(L)'
_entity_poly.pdbx_seq_one_letter_code
;MSYYHHHHHHDYDIPTTENLYFQGAMDPMPAGGRAGSLKDPDVAELFFKDDPEKLFSDLREIGHGSFGAVYFARDVRNSE
VVAIKKMSYSGKQSNEKWQDIIKEVRFLQKLRHPNTIQYRGCYLREHTAWLVMEYCLGSASDLLEVHKKPLQEVEIAAVT
HGALQGLAYLHSHNMIHRDVKAGNILLSEPGLVKLGDFGSASIMAPAN(SEP)FVGTPYWMAPEVILAMDEGQYDGKVDV
WSLGITCIELAERKPPLFNMNAMSALYHIAQNESPALQSGHWSEYFRNFVDSCLQKIPQDRPTSEVLLKHRFVLRERPPT
VIMDLIQRTKDAVRELDNLQYRKMKKILFQEA
;
_entity_poly.pdbx_strand_id   A,B
#
# COMPACT_ATOMS: atom_id res chain seq x y z
N ASP A 40 47.42 17.52 -0.89
CA ASP A 40 45.96 17.28 -0.75
C ASP A 40 45.48 16.49 -1.97
N PRO A 41 46.07 15.31 -2.22
CA PRO A 41 45.87 14.31 -3.28
C PRO A 41 44.53 14.25 -4.01
N ASP A 42 43.53 13.70 -3.34
CA ASP A 42 42.21 13.56 -3.95
C ASP A 42 41.56 14.92 -4.15
N VAL A 43 41.88 15.86 -3.26
CA VAL A 43 41.36 17.23 -3.34
C VAL A 43 41.79 17.87 -4.66
N ALA A 44 43.10 17.90 -4.88
CA ALA A 44 43.65 18.49 -6.10
C ALA A 44 43.08 17.81 -7.32
N GLU A 45 42.83 16.51 -7.21
CA GLU A 45 42.31 15.76 -8.34
C GLU A 45 40.82 15.87 -8.62
N LEU A 46 40.01 15.72 -7.58
CA LEU A 46 38.58 15.69 -7.79
C LEU A 46 37.77 16.98 -7.68
N PHE A 47 38.32 18.01 -7.06
CA PHE A 47 37.58 19.24 -6.87
C PHE A 47 37.96 20.46 -7.67
N PHE A 48 37.01 21.38 -7.78
CA PHE A 48 37.25 22.67 -8.41
C PHE A 48 37.76 23.49 -7.24
N LYS A 49 38.51 24.54 -7.54
CA LYS A 49 39.09 25.37 -6.50
C LYS A 49 38.20 26.48 -5.98
N ASP A 50 37.18 26.85 -6.74
CA ASP A 50 36.33 27.94 -6.31
C ASP A 50 35.62 27.73 -4.99
N ASP A 51 35.20 28.85 -4.43
CA ASP A 51 34.47 28.90 -3.19
C ASP A 51 32.99 28.79 -3.58
N PRO A 52 32.36 27.66 -3.22
CA PRO A 52 30.95 27.48 -3.57
C PRO A 52 30.03 28.59 -3.08
N GLU A 53 30.41 29.19 -1.97
CA GLU A 53 29.58 30.24 -1.40
C GLU A 53 29.43 31.45 -2.33
N LYS A 54 30.39 31.64 -3.23
CA LYS A 54 30.31 32.76 -4.16
C LYS A 54 29.64 32.35 -5.46
N LEU A 55 29.47 31.04 -5.65
CA LEU A 55 28.85 30.54 -6.86
C LEU A 55 27.36 30.26 -6.82
N PHE A 56 26.86 29.86 -5.66
CA PHE A 56 25.46 29.46 -5.51
C PHE A 56 24.70 30.21 -4.44
N SER A 57 23.41 30.43 -4.65
CA SER A 57 22.62 31.12 -3.65
C SER A 57 21.22 30.54 -3.61
N ASP A 58 20.42 31.07 -2.70
CA ASP A 58 19.06 30.63 -2.49
C ASP A 58 19.03 29.14 -2.17
N LEU A 59 20.00 28.64 -1.43
CA LEU A 59 20.00 27.22 -1.05
C LEU A 59 18.73 26.92 -0.23
N ARG A 60 18.04 25.84 -0.60
CA ARG A 60 16.83 25.39 0.10
C ARG A 60 16.89 23.87 0.16
N GLU A 61 16.87 23.34 1.38
CA GLU A 61 16.97 21.90 1.60
C GLU A 61 15.84 21.14 0.92
N ILE A 62 16.17 20.09 0.17
CA ILE A 62 15.14 19.33 -0.50
C ILE A 62 15.25 17.85 -0.15
N GLY A 63 16.15 17.52 0.77
CA GLY A 63 16.31 16.13 1.16
C GLY A 63 17.50 15.98 2.05
N HIS A 64 17.54 14.90 2.82
CA HIS A 64 18.69 14.66 3.69
C HIS A 64 18.81 13.21 4.08
N GLY A 65 20.00 12.86 4.57
CA GLY A 65 20.30 11.51 4.99
C GLY A 65 21.54 11.54 5.86
N SER A 66 22.14 10.37 6.08
CA SER A 66 23.34 10.29 6.91
C SER A 66 24.43 11.19 6.34
N PHE A 67 24.59 11.14 5.02
CA PHE A 67 25.60 11.94 4.32
C PHE A 67 25.51 13.42 4.71
N GLY A 68 24.28 13.92 4.80
CA GLY A 68 24.04 15.30 5.14
C GLY A 68 22.75 15.71 4.46
N ALA A 69 22.77 16.77 3.66
CA ALA A 69 21.55 17.20 3.01
C ALA A 69 21.71 17.55 1.52
N VAL A 70 20.59 17.52 0.80
CA VAL A 70 20.57 17.86 -0.60
C VAL A 70 19.77 19.16 -0.69
N TYR A 71 20.28 20.09 -1.52
CA TYR A 71 19.67 21.41 -1.68
C TYR A 71 19.36 21.87 -3.09
N PHE A 72 18.25 22.60 -3.19
CA PHE A 72 17.87 23.26 -4.41
C PHE A 72 18.77 24.53 -4.32
N ALA A 73 19.27 25.03 -5.44
CA ALA A 73 20.08 26.24 -5.41
C ALA A 73 20.13 26.92 -6.77
N ARG A 74 20.68 28.14 -6.79
CA ARG A 74 20.78 28.91 -8.00
C ARG A 74 22.25 29.20 -8.33
N ASP A 75 22.66 28.80 -9.53
CA ASP A 75 24.03 29.04 -10.03
C ASP A 75 24.06 30.50 -10.51
N VAL A 76 24.71 31.35 -9.72
CA VAL A 76 24.81 32.77 -10.00
C VAL A 76 25.38 33.10 -11.39
N ARG A 77 26.28 32.26 -11.88
CA ARG A 77 26.92 32.46 -13.18
C ARG A 77 26.01 32.50 -14.39
N ASN A 78 24.99 31.66 -14.40
CA ASN A 78 24.09 31.61 -15.55
C ASN A 78 22.63 31.65 -15.16
N SER A 79 22.36 31.99 -13.90
CA SER A 79 21.00 32.08 -13.42
C SER A 79 20.30 30.73 -13.62
N GLU A 80 21.03 29.65 -13.43
CA GLU A 80 20.44 28.34 -13.62
C GLU A 80 20.26 27.62 -12.26
N VAL A 81 19.21 26.83 -12.14
CA VAL A 81 18.98 26.07 -10.91
C VAL A 81 19.80 24.78 -10.95
N VAL A 82 20.33 24.39 -9.80
CA VAL A 82 21.10 23.17 -9.65
C VAL A 82 20.70 22.49 -8.32
N ALA A 83 21.22 21.28 -8.09
CA ALA A 83 20.97 20.59 -6.83
C ALA A 83 22.36 20.45 -6.28
N ILE A 84 22.49 20.55 -4.96
CA ILE A 84 23.78 20.42 -4.34
C ILE A 84 23.65 19.49 -3.18
N LYS A 85 24.53 18.50 -3.13
CA LYS A 85 24.51 17.59 -2.01
C LYS A 85 25.71 17.93 -1.18
N LYS A 86 25.44 18.44 0.01
CA LYS A 86 26.48 18.79 0.96
C LYS A 86 26.78 17.59 1.85
N MET A 87 28.05 17.22 1.90
CA MET A 87 28.50 16.10 2.70
C MET A 87 29.61 16.63 3.60
N SER A 88 29.30 16.72 4.89
CA SER A 88 30.27 17.19 5.88
C SER A 88 31.12 16.01 6.31
N TYR A 89 32.36 16.28 6.68
CA TYR A 89 33.21 15.21 7.14
C TYR A 89 34.01 15.68 8.35
N SER A 90 33.30 16.25 9.32
CA SER A 90 33.90 16.72 10.57
C SER A 90 33.02 16.29 11.76
N GLY A 91 31.71 16.23 11.52
CA GLY A 91 30.72 15.87 12.53
C GLY A 91 31.19 15.03 13.71
N LYS A 92 31.60 13.80 13.42
CA LYS A 92 32.12 12.88 14.42
C LYS A 92 33.55 12.55 13.99
N GLN A 93 33.68 11.58 13.09
CA GLN A 93 34.99 11.20 12.60
C GLN A 93 35.09 11.42 11.09
N SER A 94 35.95 12.35 10.70
CA SER A 94 36.17 12.69 9.30
C SER A 94 36.40 11.48 8.41
N ASN A 95 37.27 10.58 8.88
CA ASN A 95 37.66 9.36 8.18
C ASN A 95 36.74 8.77 7.13
N GLU A 96 35.75 8.00 7.60
CA GLU A 96 34.81 7.35 6.71
C GLU A 96 33.92 8.29 5.90
N LYS A 97 33.54 9.42 6.48
CA LYS A 97 32.70 10.36 5.75
C LYS A 97 33.49 10.86 4.54
N TRP A 98 34.78 11.12 4.72
CA TRP A 98 35.62 11.59 3.63
C TRP A 98 35.73 10.51 2.55
N GLN A 99 35.85 9.26 2.97
CA GLN A 99 35.96 8.16 2.01
C GLN A 99 34.68 8.00 1.21
N ASP A 100 33.54 8.23 1.87
CA ASP A 100 32.25 8.14 1.19
C ASP A 100 32.17 9.20 0.12
N ILE A 101 32.64 10.39 0.44
CA ILE A 101 32.63 11.52 -0.48
C ILE A 101 33.41 11.21 -1.75
N ILE A 102 34.69 10.84 -1.60
CA ILE A 102 35.56 10.52 -2.73
C ILE A 102 34.99 9.42 -3.63
N LYS A 103 34.55 8.32 -3.01
CA LYS A 103 34.00 7.22 -3.79
C LYS A 103 32.81 7.69 -4.62
N GLU A 104 31.90 8.47 -4.04
CA GLU A 104 30.74 8.94 -4.78
C GLU A 104 31.14 9.91 -5.91
N VAL A 105 32.09 10.81 -5.64
CA VAL A 105 32.55 11.75 -6.66
C VAL A 105 33.14 10.95 -7.81
N ARG A 106 34.00 10.00 -7.49
CA ARG A 106 34.59 9.21 -8.54
C ARG A 106 33.56 8.43 -9.31
N PHE A 107 32.48 7.99 -8.64
CA PHE A 107 31.44 7.21 -9.31
C PHE A 107 30.66 8.12 -10.24
N LEU A 108 30.23 9.26 -9.70
CA LEU A 108 29.49 10.27 -10.44
C LEU A 108 30.25 10.76 -11.70
N GLN A 109 31.58 10.87 -11.63
CA GLN A 109 32.35 11.35 -12.79
C GLN A 109 32.23 10.46 -14.01
N LYS A 110 31.92 9.19 -13.78
CA LYS A 110 31.82 8.21 -14.87
C LYS A 110 30.53 8.17 -15.64
N LEU A 111 29.46 8.69 -15.04
CA LEU A 111 28.17 8.63 -15.68
C LEU A 111 27.93 9.58 -16.85
N ARG A 112 27.51 9.02 -17.97
CA ARG A 112 27.19 9.80 -19.14
C ARG A 112 26.04 9.07 -19.80
N HIS A 113 24.86 9.25 -19.25
CA HIS A 113 23.68 8.60 -19.82
C HIS A 113 22.55 9.52 -19.46
N PRO A 114 21.59 9.71 -20.37
CA PRO A 114 20.50 10.60 -20.02
C PRO A 114 19.55 10.17 -18.91
N ASN A 115 19.58 8.90 -18.51
CA ASN A 115 18.71 8.45 -17.44
C ASN A 115 19.42 8.28 -16.10
N THR A 116 20.55 8.97 -15.95
CA THR A 116 21.29 9.02 -14.67
C THR A 116 21.42 10.53 -14.38
N ILE A 117 21.38 10.91 -13.11
CA ILE A 117 21.46 12.32 -12.74
C ILE A 117 22.76 12.93 -13.30
N GLN A 118 22.69 14.09 -13.96
CA GLN A 118 23.93 14.69 -14.46
C GLN A 118 24.77 15.33 -13.37
N TYR A 119 26.03 14.90 -13.26
CA TYR A 119 26.98 15.43 -12.29
C TYR A 119 27.67 16.66 -12.85
N ARG A 120 27.78 17.73 -12.05
CA ARG A 120 28.37 18.97 -12.53
C ARG A 120 29.68 19.41 -11.90
N GLY A 121 30.18 18.63 -10.96
CA GLY A 121 31.45 18.96 -10.34
C GLY A 121 31.32 19.12 -8.84
N CYS A 122 32.43 19.29 -8.15
CA CYS A 122 32.36 19.45 -6.70
C CYS A 122 33.33 20.50 -6.19
N TYR A 123 32.96 21.11 -5.06
CA TYR A 123 33.78 22.13 -4.44
C TYR A 123 34.02 21.73 -2.98
N LEU A 124 34.92 22.44 -2.31
CA LEU A 124 35.27 22.10 -0.94
C LEU A 124 35.51 23.34 -0.08
N ARG A 125 34.77 23.43 1.03
CA ARG A 125 34.92 24.54 1.98
C ARG A 125 34.50 24.12 3.39
N GLU A 126 35.36 24.42 4.36
CA GLU A 126 35.08 24.14 5.77
C GLU A 126 34.59 22.72 6.04
N HIS A 127 35.44 21.74 5.74
CA HIS A 127 35.10 20.34 5.95
C HIS A 127 33.72 19.96 5.38
N THR A 128 33.35 20.58 4.26
CA THR A 128 32.08 20.26 3.62
C THR A 128 32.28 20.19 2.12
N ALA A 129 32.02 19.03 1.54
CA ALA A 129 32.15 18.85 0.11
C ALA A 129 30.80 19.17 -0.52
N TRP A 130 30.81 19.99 -1.57
CA TRP A 130 29.59 20.37 -2.27
C TRP A 130 29.59 19.61 -3.62
N LEU A 131 28.69 18.64 -3.77
CA LEU A 131 28.62 17.93 -5.03
C LEU A 131 27.44 18.55 -5.75
N VAL A 132 27.70 19.16 -6.90
CA VAL A 132 26.67 19.84 -7.68
C VAL A 132 26.13 18.97 -8.81
N MET A 133 24.81 19.02 -9.03
CA MET A 133 24.17 18.20 -10.07
C MET A 133 23.04 18.97 -10.69
N GLU A 134 22.56 18.49 -11.82
CA GLU A 134 21.44 19.14 -12.48
C GLU A 134 20.29 19.02 -11.49
N TYR A 135 19.32 19.89 -11.63
CA TYR A 135 18.19 19.90 -10.73
C TYR A 135 17.00 19.10 -11.22
N CYS A 136 16.46 18.26 -10.35
CA CYS A 136 15.26 17.48 -10.69
C CYS A 136 14.29 17.98 -9.65
N LEU A 137 13.16 18.54 -10.08
CA LEU A 137 12.21 19.09 -9.12
C LEU A 137 11.47 18.08 -8.21
N GLY A 138 11.50 16.79 -8.54
CA GLY A 138 10.83 15.81 -7.70
C GLY A 138 11.19 14.36 -7.98
N SER A 139 11.01 13.49 -7.00
CA SER A 139 11.27 12.05 -7.14
C SER A 139 9.92 11.41 -7.47
N ALA A 140 9.91 10.14 -7.86
CA ALA A 140 8.66 9.43 -8.18
C ALA A 140 7.85 9.34 -6.89
N SER A 141 8.54 9.20 -5.77
CA SER A 141 7.96 9.13 -4.44
C SER A 141 7.23 10.45 -4.12
N ASP A 142 7.86 11.60 -4.42
CA ASP A 142 7.17 12.87 -4.15
C ASP A 142 5.86 12.88 -4.96
N LEU A 143 5.88 12.32 -6.16
CA LEU A 143 4.68 12.29 -6.99
C LEU A 143 3.58 11.51 -6.27
N LEU A 144 3.95 10.37 -5.67
CA LEU A 144 3.01 9.52 -4.96
C LEU A 144 2.46 10.27 -3.73
N GLU A 145 3.33 11.07 -3.08
CA GLU A 145 2.90 11.82 -1.91
C GLU A 145 1.98 12.99 -2.25
N VAL A 146 2.25 13.70 -3.35
CA VAL A 146 1.41 14.83 -3.75
C VAL A 146 -0.03 14.43 -4.13
N HIS A 147 -0.18 13.36 -4.91
CA HIS A 147 -1.51 12.95 -5.36
C HIS A 147 -2.20 11.96 -4.43
N LYS A 148 -1.45 11.36 -3.50
CA LYS A 148 -1.97 10.39 -2.56
C LYS A 148 -2.73 9.33 -3.36
N LYS A 149 -2.21 8.98 -4.52
CA LYS A 149 -2.83 7.99 -5.39
C LYS A 149 -1.73 7.32 -6.22
N PRO A 150 -2.00 6.11 -6.73
CA PRO A 150 -0.95 5.46 -7.54
C PRO A 150 -0.90 6.26 -8.84
N LEU A 151 0.19 6.14 -9.60
CA LEU A 151 0.29 6.82 -10.89
C LEU A 151 -0.59 6.08 -11.90
N GLN A 152 -0.87 6.71 -13.03
CA GLN A 152 -1.63 6.08 -14.10
C GLN A 152 -0.65 5.06 -14.71
N GLU A 153 -1.17 3.99 -15.29
CA GLU A 153 -0.29 2.97 -15.84
C GLU A 153 0.67 3.50 -16.92
N VAL A 154 0.17 4.34 -17.83
CA VAL A 154 1.02 4.88 -18.88
C VAL A 154 2.14 5.67 -18.22
N GLU A 155 1.85 6.30 -17.09
CA GLU A 155 2.88 7.04 -16.38
C GLU A 155 3.86 6.05 -15.73
N ILE A 156 3.38 4.96 -15.15
CA ILE A 156 4.28 3.99 -14.55
C ILE A 156 5.18 3.41 -15.63
N ALA A 157 4.64 3.20 -16.81
CA ALA A 157 5.43 2.65 -17.90
C ALA A 157 6.52 3.63 -18.30
N ALA A 158 6.15 4.89 -18.42
CA ALA A 158 7.13 5.88 -18.82
C ALA A 158 8.22 6.02 -17.72
N VAL A 159 7.84 6.01 -16.45
CA VAL A 159 8.83 6.14 -15.38
C VAL A 159 9.75 4.90 -15.33
N THR A 160 9.13 3.73 -15.44
CA THR A 160 9.84 2.47 -15.39
C THR A 160 10.86 2.34 -16.53
N HIS A 161 10.42 2.72 -17.74
CA HIS A 161 11.25 2.65 -18.95
C HIS A 161 12.53 3.47 -18.80
N GLY A 162 12.36 4.72 -18.35
CA GLY A 162 13.52 5.59 -18.15
C GLY A 162 14.49 5.06 -17.13
N ALA A 163 13.98 4.62 -15.97
CA ALA A 163 14.84 4.07 -14.92
C ALA A 163 15.54 2.79 -15.44
N LEU A 164 14.78 2.01 -16.21
CA LEU A 164 15.33 0.76 -16.76
C LEU A 164 16.52 1.08 -17.70
N GLN A 165 16.37 2.09 -18.54
CA GLN A 165 17.45 2.46 -19.44
C GLN A 165 18.68 2.82 -18.64
N GLY A 166 18.50 3.56 -17.55
CA GLY A 166 19.63 3.92 -16.71
C GLY A 166 20.31 2.73 -16.08
N LEU A 167 19.49 1.77 -15.65
CA LEU A 167 20.03 0.57 -15.05
C LEU A 167 20.79 -0.25 -16.10
N ALA A 168 20.22 -0.41 -17.28
CA ALA A 168 20.90 -1.20 -18.31
C ALA A 168 22.27 -0.55 -18.63
N TYR A 169 22.30 0.78 -18.62
CA TYR A 169 23.54 1.51 -18.88
C TYR A 169 24.52 1.21 -17.76
N LEU A 170 24.09 1.33 -16.50
CA LEU A 170 24.97 1.05 -15.38
C LEU A 170 25.45 -0.38 -15.46
N HIS A 171 24.52 -1.29 -15.76
CA HIS A 171 24.87 -2.71 -15.84
C HIS A 171 25.87 -3.00 -16.94
N SER A 172 25.73 -2.33 -18.08
CA SER A 172 26.62 -2.54 -19.23
C SER A 172 28.05 -2.22 -18.83
N HIS A 173 28.23 -1.38 -17.81
CA HIS A 173 29.56 -1.03 -17.35
C HIS A 173 29.88 -1.75 -16.09
N ASN A 174 29.13 -2.82 -15.83
CA ASN A 174 29.34 -3.62 -14.65
C ASN A 174 29.23 -2.90 -13.30
N MET A 175 28.30 -1.97 -13.21
CA MET A 175 28.05 -1.29 -11.94
C MET A 175 26.69 -1.81 -11.46
N ILE A 176 26.36 -1.55 -10.20
CA ILE A 176 25.06 -1.95 -9.66
C ILE A 176 24.59 -0.77 -8.84
N HIS A 177 23.32 -0.39 -8.97
CA HIS A 177 22.81 0.75 -8.20
C HIS A 177 22.61 0.38 -6.75
N ARG A 178 21.83 -0.69 -6.54
CA ARG A 178 21.56 -1.22 -5.19
C ARG A 178 20.61 -0.45 -4.30
N ASP A 179 20.01 0.63 -4.81
CA ASP A 179 19.04 1.33 -3.98
C ASP A 179 17.97 1.92 -4.85
N VAL A 180 17.50 1.12 -5.79
CA VAL A 180 16.44 1.55 -6.66
C VAL A 180 15.12 1.49 -5.84
N LYS A 181 14.38 2.59 -5.85
CA LYS A 181 13.09 2.77 -5.16
C LYS A 181 12.48 4.05 -5.77
N ALA A 182 11.20 4.31 -5.58
CA ALA A 182 10.61 5.49 -6.17
C ALA A 182 11.33 6.78 -5.69
N GLY A 183 11.79 6.78 -4.43
CA GLY A 183 12.46 7.93 -3.88
C GLY A 183 13.77 8.24 -4.63
N ASN A 184 14.34 7.27 -5.33
CA ASN A 184 15.60 7.54 -6.05
C ASN A 184 15.44 7.60 -7.55
N ILE A 185 14.21 7.73 -8.01
CA ILE A 185 13.96 7.88 -9.43
C ILE A 185 13.46 9.31 -9.54
N LEU A 186 14.23 10.16 -10.22
CA LEU A 186 13.92 11.58 -10.32
C LEU A 186 13.33 12.06 -11.62
N LEU A 187 12.51 13.10 -11.53
CA LEU A 187 11.91 13.69 -12.71
C LEU A 187 12.53 15.08 -12.92
N SER A 188 12.78 15.43 -14.17
CA SER A 188 13.33 16.75 -14.44
C SER A 188 12.65 17.30 -15.69
N GLU A 189 12.50 18.61 -15.73
CA GLU A 189 11.89 19.21 -16.90
C GLU A 189 12.94 19.22 -18.02
N PRO A 190 12.50 19.25 -19.28
CA PRO A 190 11.10 19.28 -19.70
C PRO A 190 10.33 17.98 -19.46
N GLY A 191 11.04 16.89 -19.22
CA GLY A 191 10.33 15.64 -18.97
C GLY A 191 11.21 14.42 -19.16
N LEU A 192 12.12 14.21 -18.23
CA LEU A 192 13.00 13.06 -18.33
C LEU A 192 13.05 12.31 -16.99
N VAL A 193 13.32 11.01 -17.03
CA VAL A 193 13.40 10.25 -15.79
C VAL A 193 14.86 9.88 -15.57
N LYS A 194 15.34 10.14 -14.36
CA LYS A 194 16.73 9.90 -14.05
C LYS A 194 16.97 9.17 -12.76
N LEU A 195 17.94 8.26 -12.76
CA LEU A 195 18.29 7.54 -11.54
C LEU A 195 19.11 8.44 -10.66
N GLY A 196 18.82 8.47 -9.37
CA GLY A 196 19.58 9.29 -8.45
C GLY A 196 20.17 8.49 -7.31
N ASP A 197 20.78 9.20 -6.36
CA ASP A 197 21.42 8.62 -5.20
C ASP A 197 22.27 7.39 -5.48
N PHE A 198 23.52 7.62 -5.88
CA PHE A 198 24.46 6.55 -6.13
C PHE A 198 25.29 6.24 -4.89
N GLY A 199 24.83 6.69 -3.72
CA GLY A 199 25.55 6.44 -2.47
C GLY A 199 25.74 4.98 -2.05
N SER A 200 25.01 4.04 -2.65
CA SER A 200 25.17 2.64 -2.27
C SER A 200 25.68 1.82 -3.42
N ALA A 201 25.93 2.49 -4.55
CA ALA A 201 26.34 1.84 -5.78
C ALA A 201 27.64 1.04 -5.73
N SER A 202 27.74 0.04 -6.58
CA SER A 202 28.91 -0.81 -6.63
C SER A 202 29.55 -0.56 -8.01
N ILE A 203 30.86 -0.41 -8.07
CA ILE A 203 31.49 -0.17 -9.38
C ILE A 203 31.89 -1.48 -10.06
N MET A 204 31.55 -2.61 -9.44
CA MET A 204 31.86 -3.90 -10.01
C MET A 204 30.88 -5.03 -9.64
N ALA A 205 30.59 -5.87 -10.62
CA ALA A 205 29.70 -6.99 -10.42
C ALA A 205 30.60 -8.19 -10.74
N PRO A 206 30.45 -9.29 -9.98
CA PRO A 206 29.54 -9.51 -8.85
C PRO A 206 29.96 -8.71 -7.64
N ALA A 207 29.00 -8.50 -6.75
CA ALA A 207 29.21 -7.78 -5.49
C ALA A 207 28.64 -8.67 -4.39
N ASN A 208 28.95 -8.35 -3.13
CA ASN A 208 28.47 -9.18 -2.04
C ASN A 208 28.10 -8.38 -0.79
N PHE A 210 26.14 -6.06 2.51
CA PHE A 210 24.68 -5.98 2.69
C PHE A 210 24.30 -4.49 2.59
N VAL A 211 23.66 -4.09 1.50
CA VAL A 211 23.29 -2.67 1.35
C VAL A 211 22.03 -2.52 0.48
N GLY A 212 21.26 -1.47 0.74
CA GLY A 212 20.07 -1.21 -0.04
C GLY A 212 19.08 -0.72 0.98
N THR A 213 17.79 -0.73 0.67
CA THR A 213 16.76 -0.33 1.64
C THR A 213 15.92 -1.62 1.74
N PRO A 214 15.87 -2.22 2.96
CA PRO A 214 15.13 -3.48 3.23
C PRO A 214 13.97 -3.91 2.34
N TYR A 215 12.92 -3.11 2.29
CA TYR A 215 11.72 -3.46 1.51
C TYR A 215 11.95 -3.67 0.04
N TRP A 216 12.97 -3.02 -0.48
CA TRP A 216 13.27 -3.11 -1.91
C TRP A 216 14.39 -4.11 -2.27
N MET A 217 15.09 -4.61 -1.27
CA MET A 217 16.22 -5.51 -1.51
C MET A 217 15.87 -6.89 -2.07
N ALA A 218 16.68 -7.37 -3.02
CA ALA A 218 16.47 -8.68 -3.63
C ALA A 218 16.87 -9.79 -2.65
N PRO A 219 16.29 -10.99 -2.79
CA PRO A 219 16.64 -12.10 -1.88
C PRO A 219 18.16 -12.38 -1.89
N GLU A 220 18.75 -12.41 -3.10
CA GLU A 220 20.19 -12.70 -3.17
C GLU A 220 21.06 -11.70 -2.40
N VAL A 221 20.61 -10.46 -2.26
CA VAL A 221 21.42 -9.50 -1.49
C VAL A 221 21.28 -9.84 0.00
N ILE A 222 20.07 -10.17 0.40
CA ILE A 222 19.83 -10.53 1.79
C ILE A 222 20.60 -11.82 2.08
N LEU A 223 20.58 -12.75 1.15
CA LEU A 223 21.30 -14.01 1.34
C LEU A 223 22.78 -13.74 1.56
N ALA A 224 23.29 -12.69 0.90
CA ALA A 224 24.69 -12.32 1.04
C ALA A 224 24.96 -12.05 2.51
N MET A 225 23.89 -11.80 3.26
CA MET A 225 24.02 -11.55 4.69
C MET A 225 24.88 -12.66 5.30
N ASP A 226 24.81 -13.83 4.68
CA ASP A 226 25.66 -14.95 5.09
C ASP A 226 26.85 -14.54 4.23
N GLU A 227 27.20 -15.36 3.25
CA GLU A 227 28.32 -15.03 2.37
C GLU A 227 28.06 -15.53 0.95
N GLY A 228 27.54 -14.64 0.12
CA GLY A 228 27.26 -14.97 -1.27
C GLY A 228 27.60 -13.78 -2.16
N GLN A 229 27.09 -13.79 -3.38
CA GLN A 229 27.34 -12.72 -4.34
C GLN A 229 26.09 -12.46 -5.15
N TYR A 230 26.10 -11.36 -5.89
CA TYR A 230 24.96 -11.02 -6.73
C TYR A 230 25.32 -10.07 -7.86
N ASP A 231 24.40 -10.03 -8.82
CA ASP A 231 24.43 -9.26 -10.04
C ASP A 231 23.75 -7.90 -9.97
N GLY A 232 23.68 -7.29 -11.14
CA GLY A 232 22.98 -6.05 -11.34
C GLY A 232 21.51 -6.47 -11.42
N LYS A 233 21.26 -7.79 -11.46
CA LYS A 233 19.89 -8.33 -11.53
C LYS A 233 19.14 -7.93 -10.24
N VAL A 234 19.87 -7.75 -9.16
CA VAL A 234 19.24 -7.29 -7.94
C VAL A 234 18.52 -5.95 -8.13
N ASP A 235 19.00 -5.14 -9.09
CA ASP A 235 18.37 -3.85 -9.40
C ASP A 235 17.10 -4.13 -10.18
N VAL A 236 17.10 -5.21 -10.96
CA VAL A 236 15.90 -5.55 -11.72
C VAL A 236 14.80 -5.91 -10.69
N TRP A 237 15.18 -6.64 -9.65
CA TRP A 237 14.24 -7.00 -8.59
C TRP A 237 13.73 -5.69 -7.94
N SER A 238 14.65 -4.84 -7.47
CA SER A 238 14.30 -3.58 -6.82
C SER A 238 13.41 -2.77 -7.72
N LEU A 239 13.67 -2.82 -9.02
CA LEU A 239 12.82 -2.06 -9.94
C LEU A 239 11.39 -2.68 -9.91
N GLY A 240 11.32 -4.01 -9.85
CA GLY A 240 10.02 -4.66 -9.81
C GLY A 240 9.26 -4.19 -8.57
N ILE A 241 9.94 -4.15 -7.42
CA ILE A 241 9.29 -3.67 -6.22
C ILE A 241 8.83 -2.20 -6.39
N THR A 242 9.65 -1.41 -7.08
CA THR A 242 9.34 0.00 -7.29
C THR A 242 8.10 0.11 -8.14
N CYS A 243 7.98 -0.76 -9.14
CA CYS A 243 6.79 -0.77 -9.99
C CYS A 243 5.52 -0.95 -9.13
N ILE A 244 5.57 -1.84 -8.14
CA ILE A 244 4.43 -2.07 -7.28
C ILE A 244 4.18 -0.80 -6.45
N GLU A 245 5.28 -0.24 -5.94
CA GLU A 245 5.23 0.99 -5.11
C GLU A 245 4.57 2.09 -5.94
N LEU A 246 4.87 2.19 -7.25
CA LEU A 246 4.25 3.23 -8.07
C LEU A 246 2.77 2.93 -8.34
N ALA A 247 2.44 1.64 -8.38
CA ALA A 247 1.07 1.20 -8.62
C ALA A 247 0.21 1.17 -7.34
N GLU A 248 0.87 1.04 -6.18
CA GLU A 248 0.15 0.91 -4.92
C GLU A 248 0.57 1.86 -3.80
N ARG A 249 1.49 2.77 -4.10
CA ARG A 249 2.00 3.79 -3.19
C ARG A 249 3.01 3.30 -2.16
N LYS A 250 3.04 1.99 -1.93
CA LYS A 250 3.99 1.44 -0.97
C LYS A 250 4.52 0.14 -1.49
N PRO A 251 5.71 -0.27 -1.03
CA PRO A 251 6.27 -1.55 -1.48
C PRO A 251 5.58 -2.57 -0.56
N PRO A 252 5.50 -3.84 -0.98
CA PRO A 252 4.88 -4.92 -0.19
C PRO A 252 5.71 -5.02 1.10
N LEU A 253 5.13 -5.41 2.21
CA LEU A 253 5.93 -5.53 3.44
C LEU A 253 6.20 -4.24 4.15
N PHE A 254 5.75 -3.12 3.57
CA PHE A 254 5.94 -1.82 4.20
C PHE A 254 5.21 -1.84 5.55
N ASN A 255 4.29 -2.80 5.75
CA ASN A 255 3.54 -2.86 7.01
C ASN A 255 4.18 -3.76 8.09
N MET A 256 5.41 -4.17 7.87
CA MET A 256 6.11 -4.92 8.91
C MET A 256 7.50 -4.24 9.14
N ASN A 257 8.12 -4.46 10.30
CA ASN A 257 9.41 -3.81 10.55
C ASN A 257 10.50 -4.36 9.64
N ALA A 258 11.53 -3.57 9.45
CA ALA A 258 12.64 -3.94 8.56
C ALA A 258 13.21 -5.33 8.71
N MET A 259 13.49 -5.75 9.94
CA MET A 259 14.05 -7.09 10.13
C MET A 259 13.14 -8.18 9.63
N SER A 260 11.86 -8.13 10.00
CA SER A 260 10.92 -9.16 9.56
C SER A 260 10.76 -9.17 8.08
N ALA A 261 10.73 -7.99 7.48
CA ALA A 261 10.59 -7.92 6.03
C ALA A 261 11.79 -8.64 5.41
N LEU A 262 12.99 -8.39 5.93
CA LEU A 262 14.18 -9.05 5.38
C LEU A 262 13.98 -10.57 5.38
N TYR A 263 13.64 -11.13 6.54
CA TYR A 263 13.41 -12.58 6.66
C TYR A 263 12.34 -13.06 5.67
N HIS A 264 11.27 -12.30 5.57
CA HIS A 264 10.17 -12.63 4.67
C HIS A 264 10.50 -12.54 3.16
N ILE A 265 11.36 -11.60 2.78
CA ILE A 265 11.70 -11.45 1.35
C ILE A 265 12.45 -12.71 0.89
N ALA A 266 13.43 -13.11 1.70
CA ALA A 266 14.22 -14.29 1.44
C ALA A 266 13.40 -15.58 1.41
N GLN A 267 12.79 -15.89 2.55
CA GLN A 267 12.07 -17.15 2.69
C GLN A 267 10.67 -17.26 2.07
N ASN A 268 10.13 -16.21 1.50
CA ASN A 268 8.78 -16.36 0.98
C ASN A 268 8.56 -16.11 -0.51
N GLU A 269 7.37 -16.49 -0.99
CA GLU A 269 7.04 -16.31 -2.38
C GLU A 269 7.22 -14.82 -2.77
N SER A 270 7.26 -14.56 -4.06
CA SER A 270 7.45 -13.21 -4.57
C SER A 270 6.13 -12.47 -4.60
N PRO A 271 6.16 -11.18 -4.28
CA PRO A 271 4.91 -10.42 -4.31
C PRO A 271 4.55 -10.13 -5.76
N ALA A 272 3.35 -9.61 -5.97
CA ALA A 272 2.91 -9.29 -7.32
C ALA A 272 1.98 -8.10 -7.20
N LEU A 273 1.57 -7.52 -8.32
CA LEU A 273 0.63 -6.41 -8.28
C LEU A 273 -0.70 -7.03 -7.73
N GLN A 274 -1.40 -6.35 -6.83
CA GLN A 274 -2.61 -6.96 -6.30
C GLN A 274 -3.89 -6.75 -7.09
N SER A 275 -3.97 -5.69 -7.89
CA SER A 275 -5.18 -5.46 -8.66
C SER A 275 -5.14 -6.17 -10.02
N GLY A 276 -6.25 -6.81 -10.37
CA GLY A 276 -6.31 -7.50 -11.64
C GLY A 276 -6.59 -6.51 -12.75
N HIS A 277 -6.80 -5.24 -12.42
CA HIS A 277 -7.10 -4.22 -13.43
C HIS A 277 -5.93 -3.70 -14.28
N TRP A 278 -4.69 -3.92 -13.83
CA TRP A 278 -3.54 -3.49 -14.61
C TRP A 278 -3.48 -4.43 -15.80
N SER A 279 -2.99 -3.95 -16.95
CA SER A 279 -2.88 -4.78 -18.14
C SER A 279 -1.93 -5.96 -17.89
N GLU A 280 -1.96 -6.95 -18.79
CA GLU A 280 -1.12 -8.14 -18.69
C GLU A 280 0.34 -7.80 -18.89
N TYR A 281 0.62 -6.86 -19.78
CA TYR A 281 2.02 -6.46 -20.01
C TYR A 281 2.63 -6.04 -18.66
N PHE A 282 1.98 -5.10 -17.98
CA PHE A 282 2.49 -4.64 -16.69
C PHE A 282 2.62 -5.83 -15.76
N ARG A 283 1.54 -6.59 -15.63
CA ARG A 283 1.57 -7.74 -14.72
C ARG A 283 2.75 -8.63 -15.01
N ASN A 284 2.98 -8.95 -16.29
CA ASN A 284 4.11 -9.82 -16.65
C ASN A 284 5.44 -9.12 -16.41
N PHE A 285 5.51 -7.84 -16.77
CA PHE A 285 6.75 -7.10 -16.52
C PHE A 285 7.15 -7.27 -15.05
N VAL A 286 6.23 -6.94 -14.15
CA VAL A 286 6.52 -7.07 -12.71
C VAL A 286 6.86 -8.50 -12.29
N ASP A 287 6.11 -9.50 -12.76
CA ASP A 287 6.42 -10.87 -12.33
C ASP A 287 7.76 -11.32 -12.87
N SER A 288 8.14 -10.78 -14.03
CA SER A 288 9.44 -11.14 -14.56
C SER A 288 10.54 -10.56 -13.66
N CYS A 289 10.37 -9.29 -13.24
CA CYS A 289 11.40 -8.68 -12.40
C CYS A 289 11.52 -9.37 -11.09
N LEU A 290 10.38 -9.87 -10.61
CA LEU A 290 10.39 -10.50 -9.31
C LEU A 290 10.59 -12.01 -9.24
N GLN A 291 11.25 -12.57 -10.25
CA GLN A 291 11.58 -14.00 -10.20
C GLN A 291 12.60 -14.02 -9.08
N LYS A 292 12.42 -14.93 -8.14
CA LYS A 292 13.29 -15.06 -6.97
C LYS A 292 14.71 -15.57 -7.24
N ILE A 293 14.85 -16.55 -8.12
CA ILE A 293 16.16 -17.08 -8.44
C ILE A 293 16.79 -16.23 -9.54
N PRO A 294 17.96 -15.62 -9.29
CA PRO A 294 18.61 -14.77 -10.31
C PRO A 294 18.55 -15.33 -11.75
N GLN A 295 18.82 -16.62 -11.88
CA GLN A 295 18.86 -17.28 -13.16
C GLN A 295 17.55 -17.17 -13.93
N ASP A 296 16.42 -17.11 -13.23
CA ASP A 296 15.16 -16.96 -13.96
C ASP A 296 14.87 -15.49 -14.21
N ARG A 297 15.52 -14.60 -13.45
CA ARG A 297 15.25 -13.17 -13.63
C ARG A 297 15.97 -12.60 -14.87
N PRO A 298 15.25 -11.86 -15.70
CA PRO A 298 15.95 -11.33 -16.87
C PRO A 298 16.89 -10.15 -16.51
N THR A 299 17.85 -9.87 -17.41
CA THR A 299 18.81 -8.74 -17.21
C THR A 299 18.06 -7.46 -17.59
N SER A 300 18.56 -6.30 -17.17
CA SER A 300 17.90 -5.05 -17.56
C SER A 300 17.95 -4.89 -19.08
N GLU A 301 19.03 -5.33 -19.70
CA GLU A 301 19.08 -5.23 -21.15
C GLU A 301 17.95 -6.00 -21.81
N VAL A 302 17.68 -7.22 -21.34
CA VAL A 302 16.57 -7.99 -21.92
C VAL A 302 15.22 -7.28 -21.71
N LEU A 303 15.03 -6.70 -20.53
CA LEU A 303 13.77 -6.00 -20.24
C LEU A 303 13.50 -4.78 -21.13
N LEU A 304 14.56 -4.22 -21.73
CA LEU A 304 14.39 -3.06 -22.60
C LEU A 304 13.55 -3.39 -23.82
N LYS A 305 13.37 -4.69 -24.06
CA LYS A 305 12.53 -5.14 -25.18
C LYS A 305 11.15 -5.65 -24.72
N HIS A 306 10.86 -5.55 -23.41
CA HIS A 306 9.59 -6.04 -22.89
C HIS A 306 8.40 -5.25 -23.41
N ARG A 307 7.32 -5.95 -23.74
CA ARG A 307 6.13 -5.30 -24.27
C ARG A 307 5.57 -4.12 -23.42
N PHE A 308 5.67 -4.22 -22.11
CA PHE A 308 5.15 -3.16 -21.22
C PHE A 308 5.83 -1.83 -21.56
N VAL A 309 7.14 -1.91 -21.61
CA VAL A 309 8.00 -0.79 -21.88
C VAL A 309 7.97 -0.29 -23.34
N LEU A 310 7.73 -1.20 -24.29
CA LEU A 310 7.68 -0.84 -25.71
C LEU A 310 6.30 -0.38 -26.18
N ARG A 311 5.25 -0.71 -25.44
CA ARG A 311 3.92 -0.26 -25.86
C ARG A 311 3.95 1.27 -26.06
N GLU A 312 3.51 1.70 -27.24
CA GLU A 312 3.48 3.10 -27.57
C GLU A 312 2.66 3.93 -26.59
N ARG A 313 3.19 5.09 -26.23
CA ARG A 313 2.49 5.97 -25.31
C ARG A 313 2.67 7.41 -25.79
N PRO A 314 1.78 8.33 -25.37
CA PRO A 314 1.91 9.73 -25.80
C PRO A 314 3.31 10.24 -25.50
N PRO A 315 3.83 11.11 -26.37
CA PRO A 315 5.19 11.62 -26.12
C PRO A 315 5.28 12.62 -24.95
N THR A 316 4.12 13.13 -24.52
CA THR A 316 4.05 14.09 -23.43
C THR A 316 3.76 13.52 -22.03
N VAL A 317 3.81 12.20 -21.85
CA VAL A 317 3.50 11.61 -20.55
C VAL A 317 4.19 12.21 -19.33
N ILE A 318 5.52 12.20 -19.33
CA ILE A 318 6.30 12.73 -18.20
C ILE A 318 6.02 14.22 -18.00
N MET A 319 6.11 14.96 -19.09
CA MET A 319 5.83 16.39 -19.07
C MET A 319 4.46 16.65 -18.42
N ASP A 320 3.44 15.96 -18.92
CA ASP A 320 2.10 16.12 -18.37
C ASP A 320 2.02 15.70 -16.90
N LEU A 321 2.69 14.61 -16.56
CA LEU A 321 2.74 14.14 -15.19
C LEU A 321 3.32 15.24 -14.29
N ILE A 322 4.39 15.89 -14.75
CA ILE A 322 5.02 16.98 -13.99
C ILE A 322 4.09 18.19 -13.87
N GLN A 323 3.48 18.56 -14.99
CA GLN A 323 2.56 19.68 -14.98
C GLN A 323 1.37 19.45 -14.04
N ARG A 324 0.77 18.27 -14.09
CA ARG A 324 -0.37 18.04 -13.21
C ARG A 324 0.07 17.99 -11.75
N THR A 325 1.32 17.63 -11.52
CA THR A 325 1.84 17.58 -10.18
C THR A 325 2.08 18.98 -9.64
N LYS A 326 2.68 19.82 -10.48
CA LYS A 326 2.93 21.21 -10.07
C LYS A 326 1.59 21.86 -9.77
N ASP A 327 0.60 21.60 -10.62
CA ASP A 327 -0.73 22.16 -10.40
C ASP A 327 -1.34 21.69 -9.10
N ALA A 328 -1.21 20.41 -8.79
CA ALA A 328 -1.77 19.91 -7.53
C ALA A 328 -1.10 20.57 -6.32
N VAL A 329 0.23 20.71 -6.37
CA VAL A 329 0.94 21.32 -5.26
C VAL A 329 0.49 22.77 -5.00
N ARG A 330 0.21 23.51 -6.06
CA ARG A 330 -0.23 24.89 -5.91
C ARG A 330 -1.55 24.97 -5.14
N GLU A 331 -2.36 23.94 -5.24
CA GLU A 331 -3.65 23.94 -4.55
C GLU A 331 -3.57 23.42 -3.12
N LEU A 332 -2.44 22.84 -2.72
CA LEU A 332 -2.31 22.30 -1.37
C LEU A 332 -2.66 23.32 -0.30
N ASP A 333 -3.35 22.87 0.75
CA ASP A 333 -3.74 23.79 1.82
C ASP A 333 -2.58 24.17 2.74
N ASN A 334 -2.45 25.48 2.97
CA ASN A 334 -1.39 26.03 3.83
C ASN A 334 -0.03 25.71 3.19
N LEU A 335 0.07 25.96 1.88
CA LEU A 335 1.30 25.65 1.12
C LEU A 335 2.62 26.03 1.76
N GLN A 336 2.69 27.22 2.34
CA GLN A 336 3.94 27.66 2.97
C GLN A 336 4.44 26.64 3.98
N TYR A 337 3.54 25.85 4.55
CA TYR A 337 3.91 24.85 5.54
C TYR A 337 3.92 23.41 5.04
N ARG A 338 3.61 23.19 3.76
CA ARG A 338 3.59 21.84 3.18
C ARG A 338 4.96 21.53 2.58
N LYS A 339 5.58 20.43 3.01
CA LYS A 339 6.90 20.05 2.51
C LYS A 339 6.97 19.85 0.99
N MET A 340 5.89 19.40 0.37
CA MET A 340 5.92 19.20 -1.09
C MET A 340 5.97 20.51 -1.89
N LYS A 341 6.03 21.64 -1.19
CA LYS A 341 6.10 22.94 -1.88
C LYS A 341 7.46 23.06 -2.60
N LYS A 342 8.42 22.26 -2.17
CA LYS A 342 9.77 22.22 -2.76
C LYS A 342 9.67 22.01 -4.27
N ILE A 343 8.61 21.31 -4.72
CA ILE A 343 8.41 21.07 -6.14
C ILE A 343 8.35 22.37 -6.94
N LEU A 344 7.93 23.46 -6.28
CA LEU A 344 7.83 24.76 -6.94
C LEU A 344 8.92 25.77 -6.49
N PHE A 345 10.00 25.25 -5.90
CA PHE A 345 11.09 26.11 -5.48
C PHE A 345 11.66 26.98 -6.59
N GLN A 346 11.74 26.44 -7.80
CA GLN A 346 12.30 27.19 -8.91
C GLN A 346 11.47 28.42 -9.25
N GLU A 347 10.27 28.52 -8.69
CA GLU A 347 9.41 29.65 -8.98
C GLU A 347 9.51 30.70 -7.91
N ALA A 348 10.25 30.40 -6.84
CA ALA A 348 10.40 31.33 -5.74
C ALA A 348 11.84 31.80 -5.57
N ASP B 40 8.48 -10.68 24.58
CA ASP B 40 9.51 -9.97 23.79
C ASP B 40 9.57 -10.41 22.33
N PRO B 41 9.70 -11.74 22.09
CA PRO B 41 9.79 -12.30 20.74
C PRO B 41 8.77 -11.78 19.74
N ASP B 42 7.50 -12.15 19.95
CA ASP B 42 6.44 -11.72 19.06
C ASP B 42 6.42 -10.21 18.92
N VAL B 43 6.80 -9.50 19.98
CA VAL B 43 6.79 -8.03 19.93
C VAL B 43 7.83 -7.48 18.95
N ALA B 44 9.06 -8.00 19.02
CA ALA B 44 10.13 -7.55 18.14
C ALA B 44 9.88 -8.01 16.70
N GLU B 45 9.11 -9.08 16.54
CA GLU B 45 8.84 -9.60 15.21
C GLU B 45 7.64 -8.98 14.48
N LEU B 46 6.63 -8.54 15.24
CA LEU B 46 5.42 -8.02 14.62
C LEU B 46 5.17 -6.54 14.68
N PHE B 47 5.71 -5.87 15.69
CA PHE B 47 5.45 -4.45 15.83
C PHE B 47 6.58 -3.50 15.44
N PHE B 48 6.19 -2.26 15.19
CA PHE B 48 7.09 -1.18 14.89
C PHE B 48 7.44 -0.63 16.28
N LYS B 49 8.56 0.07 16.40
CA LYS B 49 9.00 0.61 17.67
C LYS B 49 8.44 1.97 18.06
N ASP B 50 7.86 2.68 17.11
CA ASP B 50 7.36 4.01 17.41
C ASP B 50 6.27 4.09 18.47
N ASP B 51 6.16 5.29 19.03
CA ASP B 51 5.16 5.61 20.03
C ASP B 51 3.96 6.08 19.21
N PRO B 52 2.87 5.29 19.16
CA PRO B 52 1.73 5.75 18.37
C PRO B 52 1.20 7.12 18.72
N GLU B 53 1.28 7.50 19.98
CA GLU B 53 0.78 8.80 20.38
C GLU B 53 1.44 9.95 19.66
N LYS B 54 2.61 9.69 19.08
CA LYS B 54 3.34 10.72 18.34
C LYS B 54 3.00 10.66 16.85
N LEU B 55 2.52 9.52 16.38
CA LEU B 55 2.20 9.38 14.97
C LEU B 55 0.81 9.80 14.52
N PHE B 56 -0.17 9.57 15.38
CA PHE B 56 -1.56 9.85 15.01
C PHE B 56 -2.31 10.80 15.89
N SER B 57 -3.21 11.56 15.30
CA SER B 57 -4.01 12.49 16.08
C SER B 57 -5.47 12.52 15.63
N ASP B 58 -6.26 13.33 16.33
CA ASP B 58 -7.68 13.49 16.04
C ASP B 58 -8.37 12.11 16.06
N LEU B 59 -8.06 11.28 17.05
CA LEU B 59 -8.70 9.98 17.15
C LEU B 59 -10.17 10.23 17.47
N ARG B 60 -11.05 9.54 16.75
CA ARG B 60 -12.50 9.66 16.95
C ARG B 60 -13.08 8.23 16.78
N GLU B 61 -13.78 7.75 17.80
CA GLU B 61 -14.36 6.41 17.78
C GLU B 61 -15.36 6.28 16.63
N ILE B 62 -15.22 5.20 15.87
CA ILE B 62 -16.14 4.93 14.76
C ILE B 62 -16.70 3.52 14.90
N GLY B 63 -16.24 2.82 15.92
CA GLY B 63 -16.69 1.46 16.17
C GLY B 63 -16.14 0.95 17.48
N HIS B 64 -16.89 0.08 18.15
CA HIS B 64 -16.41 -0.46 19.41
C HIS B 64 -16.21 -1.95 19.22
N GLY B 65 -16.68 -2.75 20.16
CA GLY B 65 -16.53 -4.19 20.04
C GLY B 65 -15.82 -4.83 21.22
N SER B 66 -16.04 -6.13 21.38
CA SER B 66 -15.46 -6.91 22.47
C SER B 66 -14.01 -6.49 22.76
N PHE B 67 -13.14 -6.77 21.78
CA PHE B 67 -11.71 -6.48 21.80
C PHE B 67 -11.26 -5.12 22.32
N GLY B 68 -11.98 -4.06 21.94
CA GLY B 68 -11.62 -2.72 22.34
C GLY B 68 -12.39 -1.71 21.50
N ALA B 69 -11.73 -1.05 20.56
CA ALA B 69 -12.42 -0.08 19.72
C ALA B 69 -11.65 0.31 18.45
N VAL B 70 -12.36 0.85 17.47
CA VAL B 70 -11.77 1.29 16.23
C VAL B 70 -11.98 2.79 16.12
N TYR B 71 -10.92 3.47 15.67
CA TYR B 71 -10.92 4.93 15.53
C TYR B 71 -10.55 5.50 14.20
N PHE B 72 -11.15 6.63 13.87
CA PHE B 72 -10.81 7.41 12.72
C PHE B 72 -9.56 8.13 13.31
N ALA B 73 -8.55 8.40 12.50
CA ALA B 73 -7.36 9.09 13.02
C ALA B 73 -6.61 9.72 11.86
N ARG B 74 -5.67 10.61 12.19
CA ARG B 74 -4.85 11.29 11.17
C ARG B 74 -3.39 10.97 11.41
N ASP B 75 -2.72 10.55 10.34
CA ASP B 75 -1.30 10.20 10.34
C ASP B 75 -0.54 11.52 10.13
N VAL B 76 0.08 12.00 11.20
CA VAL B 76 0.79 13.28 11.13
C VAL B 76 1.99 13.24 10.18
N ARG B 77 2.50 12.05 9.89
CA ARG B 77 3.64 11.93 8.99
C ARG B 77 3.32 12.33 7.55
N ASN B 78 2.04 12.35 7.17
CA ASN B 78 1.72 12.72 5.80
C ASN B 78 0.35 13.32 5.61
N SER B 79 -0.27 13.74 6.70
CA SER B 79 -1.60 14.34 6.63
C SER B 79 -2.61 13.41 5.96
N GLU B 80 -2.59 12.14 6.35
CA GLU B 80 -3.51 11.16 5.78
C GLU B 80 -4.42 10.52 6.82
N VAL B 81 -5.68 10.33 6.43
CA VAL B 81 -6.64 9.70 7.31
C VAL B 81 -6.30 8.22 7.36
N VAL B 82 -6.49 7.63 8.51
CA VAL B 82 -6.16 6.24 8.73
C VAL B 82 -7.19 5.67 9.73
N ALA B 83 -7.33 4.35 9.83
CA ALA B 83 -8.24 3.77 10.86
C ALA B 83 -7.31 3.05 11.84
N ILE B 84 -7.66 3.07 13.13
CA ILE B 84 -6.84 2.37 14.11
C ILE B 84 -7.68 1.47 14.99
N LYS B 85 -7.26 0.23 15.13
CA LYS B 85 -7.98 -0.66 16.02
C LYS B 85 -7.12 -0.87 17.27
N LYS B 86 -7.60 -0.39 18.42
CA LYS B 86 -6.88 -0.57 19.67
C LYS B 86 -7.38 -1.79 20.40
N MET B 87 -6.44 -2.65 20.77
CA MET B 87 -6.78 -3.86 21.48
C MET B 87 -5.87 -3.90 22.71
N SER B 88 -6.47 -3.81 23.90
CA SER B 88 -5.75 -3.88 25.16
C SER B 88 -5.69 -5.32 25.60
N TYR B 89 -4.79 -5.62 26.52
CA TYR B 89 -4.65 -6.97 27.07
C TYR B 89 -4.18 -6.77 28.49
N SER B 90 -4.54 -5.60 29.03
CA SER B 90 -4.21 -5.25 30.39
C SER B 90 -5.18 -6.03 31.27
N GLY B 91 -4.87 -6.06 32.56
CA GLY B 91 -5.69 -6.75 33.55
C GLY B 91 -6.23 -8.14 33.23
N LYS B 92 -7.55 -8.17 33.01
CA LYS B 92 -8.42 -9.32 32.69
C LYS B 92 -8.06 -10.30 31.57
N GLN B 93 -7.36 -11.36 31.94
CA GLN B 93 -6.90 -12.40 30.98
C GLN B 93 -5.86 -11.88 29.99
N SER B 94 -4.85 -11.21 30.51
CA SER B 94 -3.76 -10.65 29.73
C SER B 94 -3.35 -11.52 28.56
N ASN B 95 -3.26 -12.82 28.82
CA ASN B 95 -2.84 -13.80 27.83
C ASN B 95 -3.79 -14.24 26.74
N GLU B 96 -5.07 -14.35 27.06
CA GLU B 96 -6.02 -14.74 26.03
C GLU B 96 -6.12 -13.56 25.07
N LYS B 97 -6.19 -12.36 25.62
CA LYS B 97 -6.29 -11.14 24.83
C LYS B 97 -5.08 -10.98 23.91
N TRP B 98 -3.88 -11.03 24.48
CA TRP B 98 -2.66 -10.89 23.71
C TRP B 98 -2.59 -11.91 22.58
N GLN B 99 -2.97 -13.14 22.88
CA GLN B 99 -2.95 -14.18 21.88
C GLN B 99 -3.76 -13.78 20.65
N ASP B 100 -4.95 -13.24 20.90
CA ASP B 100 -5.80 -12.84 19.79
C ASP B 100 -5.19 -11.70 19.00
N ILE B 101 -4.57 -10.78 19.70
CA ILE B 101 -3.91 -9.64 19.07
C ILE B 101 -2.87 -10.16 18.07
N ILE B 102 -2.04 -11.09 18.53
CA ILE B 102 -1.00 -11.66 17.68
C ILE B 102 -1.57 -12.41 16.48
N LYS B 103 -2.60 -13.22 16.74
CA LYS B 103 -3.25 -14.02 15.70
C LYS B 103 -3.87 -13.12 14.62
N GLU B 104 -4.42 -11.97 15.02
CA GLU B 104 -5.02 -11.04 14.07
C GLU B 104 -3.93 -10.30 13.28
N VAL B 105 -2.89 -9.86 13.98
CA VAL B 105 -1.79 -9.16 13.33
C VAL B 105 -1.15 -10.06 12.29
N ARG B 106 -0.86 -11.31 12.68
CA ARG B 106 -0.24 -12.25 11.74
C ARG B 106 -1.11 -12.44 10.52
N PHE B 107 -2.41 -12.62 10.77
CA PHE B 107 -3.34 -12.81 9.66
C PHE B 107 -3.34 -11.57 8.73
N LEU B 108 -3.43 -10.38 9.32
CA LEU B 108 -3.44 -9.13 8.57
C LEU B 108 -2.19 -8.94 7.68
N GLN B 109 -1.04 -9.31 8.19
CA GLN B 109 0.21 -9.21 7.44
C GLN B 109 0.21 -9.95 6.13
N LYS B 110 -0.57 -11.03 6.04
CA LYS B 110 -0.58 -11.85 4.84
C LYS B 110 -1.46 -11.35 3.71
N LEU B 111 -2.35 -10.42 4.02
CA LEU B 111 -3.29 -9.95 3.00
C LEU B 111 -2.75 -8.99 1.95
N ARG B 112 -2.92 -9.34 0.67
CA ARG B 112 -2.55 -8.49 -0.43
C ARG B 112 -3.62 -8.57 -1.55
N HIS B 113 -4.77 -7.99 -1.30
CA HIS B 113 -5.83 -8.03 -2.30
C HIS B 113 -6.61 -6.73 -2.19
N PRO B 114 -7.05 -6.18 -3.32
CA PRO B 114 -7.79 -4.94 -3.29
C PRO B 114 -9.12 -4.99 -2.52
N ASN B 115 -9.72 -6.17 -2.39
CA ASN B 115 -11.00 -6.26 -1.68
C ASN B 115 -10.91 -6.71 -0.26
N THR B 116 -9.77 -6.48 0.36
CA THR B 116 -9.58 -6.78 1.77
C THR B 116 -9.03 -5.45 2.32
N ILE B 117 -9.26 -5.14 3.59
CA ILE B 117 -8.78 -3.87 4.10
C ILE B 117 -7.22 -3.86 4.16
N GLN B 118 -6.62 -2.76 3.78
CA GLN B 118 -5.15 -2.68 3.78
C GLN B 118 -4.60 -2.48 5.19
N TYR B 119 -3.73 -3.41 5.59
CA TYR B 119 -3.06 -3.35 6.90
C TYR B 119 -1.79 -2.50 6.75
N ARG B 120 -1.63 -1.52 7.65
CA ARG B 120 -0.48 -0.60 7.62
C ARG B 120 0.53 -0.77 8.76
N GLY B 121 0.38 -1.81 9.59
CA GLY B 121 1.32 -2.04 10.66
C GLY B 121 0.77 -1.89 12.06
N CYS B 122 1.55 -2.28 13.06
CA CYS B 122 1.09 -2.15 14.43
C CYS B 122 2.13 -1.55 15.38
N TYR B 123 1.62 -0.92 16.44
CA TYR B 123 2.44 -0.27 17.47
C TYR B 123 1.99 -0.77 18.84
N LEU B 124 2.84 -0.55 19.84
CA LEU B 124 2.55 -1.04 21.19
C LEU B 124 2.94 -0.05 22.28
N ARG B 125 1.99 0.26 23.15
CA ARG B 125 2.26 1.16 24.26
C ARG B 125 1.25 0.93 25.38
N GLU B 126 1.78 0.64 26.56
CA GLU B 126 0.98 0.40 27.75
C GLU B 126 -0.16 -0.59 27.59
N HIS B 127 0.23 -1.83 27.34
CA HIS B 127 -0.71 -2.94 27.19
C HIS B 127 -1.84 -2.71 26.19
N THR B 128 -1.54 -1.94 25.14
CA THR B 128 -2.53 -1.65 24.10
C THR B 128 -1.92 -1.66 22.69
N ALA B 129 -2.24 -2.66 21.90
CA ALA B 129 -1.74 -2.74 20.54
C ALA B 129 -2.58 -1.85 19.63
N TRP B 130 -1.90 -1.10 18.77
CA TRP B 130 -2.55 -0.22 17.81
C TRP B 130 -2.37 -0.81 16.41
N LEU B 131 -3.46 -1.35 15.81
CA LEU B 131 -3.40 -1.91 14.47
C LEU B 131 -3.96 -0.86 13.54
N VAL B 132 -3.05 -0.32 12.73
CA VAL B 132 -3.38 0.72 11.79
C VAL B 132 -3.80 0.14 10.46
N MET B 133 -4.82 0.74 9.86
CA MET B 133 -5.36 0.25 8.58
C MET B 133 -5.74 1.44 7.75
N GLU B 134 -5.94 1.23 6.44
CA GLU B 134 -6.38 2.31 5.57
C GLU B 134 -7.78 2.65 6.10
N TYR B 135 -8.23 3.86 5.82
CA TYR B 135 -9.50 4.34 6.28
C TYR B 135 -10.67 4.12 5.31
N CYS B 136 -11.72 3.52 5.83
CA CYS B 136 -12.93 3.29 5.02
C CYS B 136 -14.00 4.16 5.71
N LEU B 137 -14.58 5.11 5.01
CA LEU B 137 -15.55 5.99 5.67
C LEU B 137 -16.86 5.38 6.16
N GLY B 138 -17.20 4.17 5.72
CA GLY B 138 -18.41 3.52 6.20
C GLY B 138 -18.55 2.04 5.84
N SER B 139 -19.39 1.31 6.58
CA SER B 139 -19.66 -0.08 6.27
C SER B 139 -20.99 -0.15 5.46
N ALA B 140 -21.30 -1.31 4.87
CA ALA B 140 -22.56 -1.48 4.14
C ALA B 140 -23.70 -1.29 5.15
N SER B 141 -23.46 -1.71 6.38
CA SER B 141 -24.40 -1.54 7.47
C SER B 141 -24.66 -0.04 7.75
N ASP B 142 -23.61 0.79 7.77
CA ASP B 142 -23.84 2.23 7.99
C ASP B 142 -24.70 2.76 6.82
N LEU B 143 -24.53 2.18 5.64
CA LEU B 143 -25.31 2.64 4.48
C LEU B 143 -26.80 2.38 4.72
N LEU B 144 -27.12 1.17 5.18
CA LEU B 144 -28.47 0.80 5.49
C LEU B 144 -29.02 1.68 6.62
N GLU B 145 -28.17 2.09 7.57
CA GLU B 145 -28.65 2.92 8.67
C GLU B 145 -28.92 4.36 8.21
N VAL B 146 -28.07 4.87 7.33
CA VAL B 146 -28.25 6.24 6.88
C VAL B 146 -29.54 6.44 6.08
N HIS B 147 -29.76 5.58 5.09
CA HIS B 147 -30.90 5.72 4.23
C HIS B 147 -32.20 5.15 4.79
N LYS B 148 -32.07 4.30 5.79
CA LYS B 148 -33.23 3.66 6.39
C LYS B 148 -34.01 2.94 5.31
N LYS B 149 -33.29 2.33 4.39
CA LYS B 149 -33.92 1.59 3.30
C LYS B 149 -32.88 0.62 2.75
N PRO B 150 -33.33 -0.34 1.95
CA PRO B 150 -32.36 -1.29 1.39
C PRO B 150 -31.64 -0.56 0.28
N LEU B 151 -30.54 -1.13 -0.19
CA LEU B 151 -29.82 -0.51 -1.28
C LEU B 151 -30.55 -0.87 -2.59
N GLN B 152 -30.23 -0.17 -3.67
CA GLN B 152 -30.80 -0.47 -4.97
C GLN B 152 -30.13 -1.79 -5.37
N GLU B 153 -30.80 -2.59 -6.18
CA GLU B 153 -30.23 -3.86 -6.59
C GLU B 153 -28.85 -3.75 -7.21
N VAL B 154 -28.65 -2.75 -8.07
CA VAL B 154 -27.35 -2.62 -8.73
C VAL B 154 -26.23 -2.36 -7.69
N GLU B 155 -26.55 -1.61 -6.64
CA GLU B 155 -25.61 -1.33 -5.56
C GLU B 155 -25.34 -2.63 -4.80
N ILE B 156 -26.37 -3.44 -4.56
CA ILE B 156 -26.17 -4.72 -3.86
C ILE B 156 -25.23 -5.61 -4.66
N ALA B 157 -25.38 -5.58 -5.97
CA ALA B 157 -24.53 -6.38 -6.83
C ALA B 157 -23.08 -5.88 -6.79
N ALA B 158 -22.90 -4.57 -6.82
CA ALA B 158 -21.52 -4.05 -6.79
C ALA B 158 -20.85 -4.36 -5.46
N VAL B 159 -21.60 -4.22 -4.36
CA VAL B 159 -21.09 -4.48 -3.03
C VAL B 159 -20.81 -5.98 -2.85
N THR B 160 -21.76 -6.82 -3.26
CA THR B 160 -21.61 -8.26 -3.14
C THR B 160 -20.42 -8.72 -3.97
N HIS B 161 -20.29 -8.16 -5.17
CA HIS B 161 -19.19 -8.51 -6.08
C HIS B 161 -17.79 -8.23 -5.47
N GLY B 162 -17.61 -7.11 -4.77
CA GLY B 162 -16.31 -6.84 -4.17
C GLY B 162 -16.02 -7.77 -3.02
N ALA B 163 -17.01 -7.96 -2.15
CA ALA B 163 -16.84 -8.85 -1.00
C ALA B 163 -16.52 -10.25 -1.51
N LEU B 164 -17.22 -10.63 -2.57
CA LEU B 164 -17.07 -11.95 -3.15
C LEU B 164 -15.63 -12.14 -3.66
N GLN B 165 -15.13 -11.17 -4.42
CA GLN B 165 -13.76 -11.27 -4.91
C GLN B 165 -12.80 -11.37 -3.74
N GLY B 166 -13.10 -10.69 -2.63
CA GLY B 166 -12.26 -10.77 -1.45
C GLY B 166 -12.27 -12.14 -0.78
N LEU B 167 -13.45 -12.76 -0.75
CA LEU B 167 -13.62 -14.08 -0.14
C LEU B 167 -12.93 -15.16 -1.01
N ALA B 168 -12.99 -14.99 -2.32
CA ALA B 168 -12.39 -15.92 -3.28
C ALA B 168 -10.86 -15.86 -3.08
N TYR B 169 -10.35 -14.64 -2.90
CA TYR B 169 -8.94 -14.42 -2.61
C TYR B 169 -8.60 -15.20 -1.34
N LEU B 170 -9.27 -14.90 -0.24
CA LEU B 170 -9.01 -15.61 1.01
C LEU B 170 -9.09 -17.14 0.91
N HIS B 171 -10.11 -17.63 0.21
CA HIS B 171 -10.30 -19.06 0.11
C HIS B 171 -9.19 -19.75 -0.70
N SER B 172 -8.73 -19.10 -1.76
CA SER B 172 -7.66 -19.66 -2.60
C SER B 172 -6.36 -19.83 -1.79
N HIS B 173 -6.25 -19.14 -0.65
CA HIS B 173 -5.06 -19.28 0.19
C HIS B 173 -5.39 -20.07 1.42
N ASN B 174 -6.49 -20.81 1.33
CA ASN B 174 -6.93 -21.65 2.42
C ASN B 174 -7.38 -20.92 3.68
N MET B 175 -7.78 -19.66 3.57
CA MET B 175 -8.24 -18.97 4.78
C MET B 175 -9.78 -18.87 4.78
N ILE B 176 -10.37 -18.56 5.93
CA ILE B 176 -11.83 -18.39 6.02
C ILE B 176 -12.10 -17.16 6.85
N HIS B 177 -12.99 -16.29 6.37
CA HIS B 177 -13.35 -15.08 7.11
C HIS B 177 -14.12 -15.36 8.39
N ARG B 178 -15.25 -16.08 8.26
CA ARG B 178 -16.09 -16.45 9.40
C ARG B 178 -16.94 -15.37 10.03
N ASP B 179 -16.94 -14.17 9.46
CA ASP B 179 -17.81 -13.13 10.00
C ASP B 179 -18.27 -12.19 8.95
N VAL B 180 -18.62 -12.69 7.78
CA VAL B 180 -19.09 -11.73 6.82
C VAL B 180 -20.56 -11.30 7.14
N LYS B 181 -20.78 -10.01 7.10
CA LYS B 181 -22.07 -9.41 7.38
C LYS B 181 -21.91 -7.99 6.87
N ALA B 182 -23.00 -7.25 6.74
CA ALA B 182 -22.89 -5.92 6.18
C ALA B 182 -21.97 -4.99 7.03
N GLY B 183 -21.97 -5.17 8.34
CA GLY B 183 -21.13 -4.36 9.19
C GLY B 183 -19.64 -4.61 8.90
N ASN B 184 -19.29 -5.75 8.28
CA ASN B 184 -17.87 -6.00 7.98
C ASN B 184 -17.50 -5.88 6.51
N ILE B 185 -18.36 -5.24 5.73
CA ILE B 185 -18.02 -4.99 4.36
C ILE B 185 -17.91 -3.48 4.33
N LEU B 186 -16.68 -3.01 4.08
CA LEU B 186 -16.38 -1.58 4.11
C LEU B 186 -16.32 -0.89 2.76
N LEU B 187 -16.63 0.40 2.76
CA LEU B 187 -16.56 1.18 1.55
C LEU B 187 -15.42 2.22 1.71
N SER B 188 -14.56 2.32 0.70
CA SER B 188 -13.51 3.33 0.78
C SER B 188 -13.55 4.16 -0.49
N GLU B 189 -13.22 5.42 -0.36
CA GLU B 189 -13.21 6.25 -1.56
C GLU B 189 -11.96 5.84 -2.34
N PRO B 190 -11.94 6.08 -3.67
CA PRO B 190 -13.01 6.71 -4.42
C PRO B 190 -14.17 5.77 -4.77
N GLY B 191 -14.06 4.49 -4.38
CA GLY B 191 -15.13 3.55 -4.66
C GLY B 191 -14.67 2.11 -4.65
N LEU B 192 -14.31 1.60 -3.49
CA LEU B 192 -13.84 0.23 -3.41
C LEU B 192 -14.56 -0.47 -2.30
N VAL B 193 -14.77 -1.76 -2.49
CA VAL B 193 -15.45 -2.56 -1.50
C VAL B 193 -14.41 -3.43 -0.83
N LYS B 194 -14.37 -3.43 0.51
CA LYS B 194 -13.36 -4.19 1.23
C LYS B 194 -13.86 -4.97 2.41
N LEU B 195 -13.40 -6.21 2.50
CA LEU B 195 -13.72 -7.08 3.62
C LEU B 195 -12.94 -6.52 4.80
N GLY B 196 -13.58 -6.47 5.96
CA GLY B 196 -12.92 -5.97 7.17
C GLY B 196 -13.12 -6.93 8.33
N ASP B 197 -12.65 -6.54 9.51
CA ASP B 197 -12.72 -7.34 10.75
C ASP B 197 -12.35 -8.80 10.59
N PHE B 198 -11.05 -9.11 10.63
CA PHE B 198 -10.58 -10.48 10.50
C PHE B 198 -10.36 -11.07 11.87
N GLY B 199 -10.95 -10.43 12.86
CA GLY B 199 -10.84 -10.91 14.21
C GLY B 199 -11.31 -12.32 14.46
N SER B 200 -12.02 -12.93 13.51
CA SER B 200 -12.51 -14.30 13.71
C SER B 200 -11.98 -15.21 12.67
N ALA B 201 -11.11 -14.71 11.81
CA ALA B 201 -10.62 -15.51 10.70
C ALA B 201 -9.87 -16.79 11.02
N SER B 202 -9.81 -17.66 10.01
CA SER B 202 -9.10 -18.91 10.15
C SER B 202 -7.96 -18.97 9.13
N ILE B 203 -6.75 -19.31 9.58
CA ILE B 203 -5.60 -19.42 8.67
C ILE B 203 -5.65 -20.76 7.92
N MET B 204 -6.44 -21.69 8.42
CA MET B 204 -6.56 -23.00 7.79
C MET B 204 -7.98 -23.32 7.37
N ALA B 205 -8.09 -24.39 6.60
CA ALA B 205 -9.35 -24.93 6.12
C ALA B 205 -9.03 -26.39 5.88
N PRO B 206 -9.82 -27.32 6.44
CA PRO B 206 -11.00 -27.07 7.28
C PRO B 206 -10.68 -26.48 8.64
N ALA B 207 -11.73 -26.01 9.29
CA ALA B 207 -11.68 -25.41 10.62
C ALA B 207 -12.87 -26.04 11.35
N ASN B 208 -12.91 -25.89 12.68
CA ASN B 208 -14.01 -26.48 13.46
C ASN B 208 -14.58 -25.52 14.49
N PHE B 210 -16.59 -22.82 16.81
CA PHE B 210 -17.87 -22.15 16.87
C PHE B 210 -17.66 -20.66 16.94
N VAL B 211 -17.65 -20.00 15.78
CA VAL B 211 -17.40 -18.57 15.75
C VAL B 211 -18.16 -17.89 14.61
N GLY B 212 -18.36 -16.58 14.73
CA GLY B 212 -19.06 -15.81 13.70
C GLY B 212 -20.10 -15.04 14.48
N THR B 213 -21.10 -14.45 13.81
CA THR B 213 -22.18 -13.74 14.49
C THR B 213 -23.44 -14.55 14.09
N PRO B 214 -24.12 -15.14 15.09
CA PRO B 214 -25.33 -15.99 14.99
C PRO B 214 -26.22 -15.90 13.76
N TYR B 215 -26.84 -14.76 13.52
CA TYR B 215 -27.75 -14.60 12.38
C TYR B 215 -27.12 -14.89 11.02
N TRP B 216 -25.80 -14.74 10.94
CA TRP B 216 -25.09 -14.96 9.68
C TRP B 216 -24.36 -16.29 9.60
N MET B 217 -24.32 -17.01 10.71
CA MET B 217 -23.61 -18.29 10.74
C MET B 217 -24.22 -19.39 9.90
N ALA B 218 -23.36 -20.12 9.17
CA ALA B 218 -23.79 -21.22 8.33
C ALA B 218 -24.14 -22.43 9.20
N PRO B 219 -25.09 -23.26 8.76
CA PRO B 219 -25.45 -24.43 9.59
C PRO B 219 -24.28 -25.39 9.94
N GLU B 220 -23.32 -25.59 9.03
CA GLU B 220 -22.15 -26.44 9.32
C GLU B 220 -21.39 -25.91 10.51
N VAL B 221 -21.28 -24.59 10.63
CA VAL B 221 -20.52 -24.05 11.74
C VAL B 221 -21.22 -24.38 13.03
N ILE B 222 -22.54 -24.30 13.02
CA ILE B 222 -23.31 -24.59 14.22
C ILE B 222 -23.31 -26.09 14.53
N LEU B 223 -23.52 -26.90 13.51
CA LEU B 223 -23.53 -28.35 13.69
C LEU B 223 -22.15 -28.85 14.15
N ALA B 224 -21.09 -28.24 13.62
CA ALA B 224 -19.73 -28.64 13.98
C ALA B 224 -19.60 -28.69 15.49
N MET B 225 -20.26 -27.77 16.18
CA MET B 225 -20.21 -27.76 17.64
C MET B 225 -18.78 -27.65 18.18
N ASP B 226 -18.01 -26.71 17.64
CA ASP B 226 -16.64 -26.47 18.06
C ASP B 226 -15.75 -27.70 17.93
N GLU B 227 -16.28 -28.74 17.30
CA GLU B 227 -15.55 -30.00 17.10
C GLU B 227 -16.24 -30.80 16.00
N GLY B 228 -16.00 -30.36 14.77
CA GLY B 228 -16.54 -30.94 13.57
C GLY B 228 -15.92 -30.03 12.54
N GLN B 229 -15.95 -30.36 11.26
CA GLN B 229 -15.29 -29.45 10.33
C GLN B 229 -16.19 -28.74 9.31
N TYR B 230 -15.63 -27.72 8.67
CA TYR B 230 -16.31 -26.94 7.66
C TYR B 230 -15.22 -26.17 6.95
N ASP B 231 -15.46 -25.75 5.72
CA ASP B 231 -14.47 -25.02 4.96
C ASP B 231 -14.91 -23.60 4.57
N GLY B 232 -14.29 -23.08 3.51
CA GLY B 232 -14.59 -21.74 3.02
C GLY B 232 -16.04 -21.44 2.65
N LYS B 233 -16.81 -22.49 2.38
CA LYS B 233 -18.20 -22.30 1.98
C LYS B 233 -19.08 -21.62 3.03
N VAL B 234 -18.69 -21.67 4.29
CA VAL B 234 -19.46 -21.00 5.31
C VAL B 234 -19.54 -19.49 5.03
N ASP B 235 -18.54 -18.95 4.33
CA ASP B 235 -18.52 -17.53 4.01
C ASP B 235 -19.48 -17.28 2.88
N VAL B 236 -19.64 -18.27 2.01
CA VAL B 236 -20.56 -18.12 0.88
C VAL B 236 -21.97 -18.04 1.51
N TRP B 237 -22.24 -18.85 2.54
CA TRP B 237 -23.53 -18.80 3.23
C TRP B 237 -23.69 -17.44 3.93
N SER B 238 -22.70 -16.99 4.69
CA SER B 238 -22.80 -15.70 5.36
C SER B 238 -23.00 -14.60 4.36
N LEU B 239 -22.38 -14.69 3.20
CA LEU B 239 -22.54 -13.69 2.16
C LEU B 239 -24.01 -13.68 1.68
N GLY B 240 -24.60 -14.88 1.55
CA GLY B 240 -25.99 -14.98 1.13
C GLY B 240 -26.87 -14.26 2.15
N ILE B 241 -26.64 -14.50 3.45
CA ILE B 241 -27.42 -13.83 4.49
C ILE B 241 -27.23 -12.31 4.37
N THR B 242 -25.98 -11.91 4.12
CA THR B 242 -25.65 -10.50 3.97
C THR B 242 -26.42 -9.91 2.78
N CYS B 243 -26.49 -10.64 1.67
CA CYS B 243 -27.24 -10.14 0.51
C CYS B 243 -28.72 -9.84 0.92
N ILE B 244 -29.33 -10.72 1.71
CA ILE B 244 -30.71 -10.45 2.13
C ILE B 244 -30.73 -9.21 3.05
N GLU B 245 -29.68 -9.10 3.87
CA GLU B 245 -29.58 -7.96 4.80
C GLU B 245 -29.49 -6.64 4.03
N LEU B 246 -28.82 -6.62 2.87
CA LEU B 246 -28.68 -5.40 2.08
C LEU B 246 -30.00 -5.11 1.34
N ALA B 247 -30.76 -6.18 1.07
CA ALA B 247 -32.03 -6.06 0.38
C ALA B 247 -33.24 -5.81 1.30
N GLU B 248 -33.07 -6.08 2.59
CA GLU B 248 -34.14 -5.98 3.57
C GLU B 248 -33.78 -5.24 4.86
N ARG B 249 -32.54 -4.73 4.93
CA ARG B 249 -32.00 -4.00 6.08
C ARG B 249 -31.57 -4.84 7.27
N LYS B 250 -32.09 -6.06 7.37
CA LYS B 250 -31.77 -6.97 8.47
C LYS B 250 -31.64 -8.39 7.94
N PRO B 251 -30.86 -9.23 8.65
CA PRO B 251 -30.70 -10.63 8.26
C PRO B 251 -32.02 -11.30 8.71
N PRO B 252 -32.41 -12.39 8.06
CA PRO B 252 -33.64 -13.11 8.40
C PRO B 252 -34.03 -13.35 9.84
N LEU B 253 -33.15 -13.87 10.68
CA LEU B 253 -33.60 -14.18 12.03
C LEU B 253 -33.42 -13.08 13.07
N PHE B 254 -33.26 -11.85 12.63
CA PHE B 254 -33.02 -10.72 13.52
C PHE B 254 -34.09 -10.52 14.59
N ASN B 255 -35.27 -11.07 14.38
CA ASN B 255 -36.36 -10.88 15.34
C ASN B 255 -36.47 -11.91 16.45
N MET B 256 -35.40 -12.67 16.66
CA MET B 256 -35.37 -13.61 17.74
C MET B 256 -33.99 -13.52 18.37
N ASN B 257 -33.86 -13.91 19.65
CA ASN B 257 -32.59 -13.83 20.33
C ASN B 257 -31.55 -14.75 19.68
N ALA B 258 -30.29 -14.42 19.93
CA ALA B 258 -29.13 -15.15 19.41
C ALA B 258 -29.23 -16.66 19.49
N MET B 259 -29.58 -17.18 20.66
CA MET B 259 -29.70 -18.61 20.88
C MET B 259 -30.77 -19.30 20.03
N SER B 260 -31.98 -18.78 20.04
CA SER B 260 -32.98 -19.46 19.23
C SER B 260 -32.64 -19.39 17.75
N ALA B 261 -31.89 -18.37 17.36
CA ALA B 261 -31.53 -18.27 15.95
C ALA B 261 -30.61 -19.43 15.54
N LEU B 262 -29.63 -19.74 16.39
CA LEU B 262 -28.69 -20.83 16.14
C LEU B 262 -29.45 -22.11 15.86
N TYR B 263 -30.45 -22.37 16.72
CA TYR B 263 -31.27 -23.56 16.55
C TYR B 263 -32.04 -23.55 15.21
N HIS B 264 -32.70 -22.44 14.89
CA HIS B 264 -33.46 -22.40 13.64
C HIS B 264 -32.59 -22.51 12.40
N ILE B 265 -31.40 -21.90 12.40
CA ILE B 265 -30.51 -22.01 11.24
C ILE B 265 -30.20 -23.50 11.00
N ALA B 266 -29.81 -24.17 12.08
CA ALA B 266 -29.49 -25.59 12.04
C ALA B 266 -30.68 -26.45 11.61
N GLN B 267 -31.80 -26.28 12.30
CA GLN B 267 -32.99 -27.07 12.03
C GLN B 267 -33.93 -26.73 10.87
N ASN B 268 -34.07 -25.46 10.51
CA ASN B 268 -35.00 -25.12 9.44
C ASN B 268 -34.52 -24.91 8.02
N GLU B 269 -35.49 -24.78 7.13
CA GLU B 269 -35.22 -24.56 5.73
C GLU B 269 -34.42 -23.26 5.67
N SER B 270 -33.67 -23.09 4.61
CA SER B 270 -32.86 -21.88 4.49
C SER B 270 -33.75 -20.75 4.00
N PRO B 271 -33.44 -19.52 4.42
CA PRO B 271 -34.22 -18.33 4.03
C PRO B 271 -34.02 -17.90 2.58
N ALA B 272 -34.84 -16.96 2.12
CA ALA B 272 -34.73 -16.45 0.75
C ALA B 272 -35.13 -14.99 0.75
N LEU B 273 -34.89 -14.30 -0.36
CA LEU B 273 -35.31 -12.91 -0.50
C LEU B 273 -36.85 -12.99 -0.36
N GLN B 274 -37.44 -12.16 0.48
CA GLN B 274 -38.88 -12.29 0.65
C GLN B 274 -39.68 -11.70 -0.48
N SER B 275 -39.15 -10.66 -1.11
CA SER B 275 -39.88 -10.02 -2.20
C SER B 275 -39.53 -10.55 -3.60
N GLY B 276 -40.56 -10.70 -4.42
CA GLY B 276 -40.38 -11.21 -5.77
C GLY B 276 -39.98 -10.14 -6.77
N HIS B 277 -39.96 -8.86 -6.37
CA HIS B 277 -39.58 -7.80 -7.30
C HIS B 277 -38.07 -7.78 -7.68
N TRP B 278 -37.24 -8.55 -6.98
CA TRP B 278 -35.81 -8.59 -7.32
C TRP B 278 -35.63 -9.44 -8.58
N SER B 279 -34.60 -9.14 -9.39
CA SER B 279 -34.33 -9.91 -10.60
C SER B 279 -34.08 -11.37 -10.25
N GLU B 280 -34.29 -12.25 -11.23
CA GLU B 280 -34.12 -13.70 -11.02
C GLU B 280 -32.65 -14.00 -10.76
N TYR B 281 -31.80 -13.21 -11.40
CA TYR B 281 -30.34 -13.35 -11.20
C TYR B 281 -30.02 -13.19 -9.72
N PHE B 282 -30.50 -12.09 -9.13
CA PHE B 282 -30.23 -11.84 -7.71
C PHE B 282 -30.84 -12.96 -6.87
N ARG B 283 -32.13 -13.26 -7.13
CA ARG B 283 -32.78 -14.32 -6.36
C ARG B 283 -32.00 -15.62 -6.46
N ASN B 284 -31.58 -15.97 -7.67
CA ASN B 284 -30.81 -17.20 -7.83
C ASN B 284 -29.46 -17.14 -7.11
N PHE B 285 -28.83 -15.97 -7.12
CA PHE B 285 -27.54 -15.84 -6.43
C PHE B 285 -27.72 -16.18 -4.96
N VAL B 286 -28.74 -15.57 -4.35
CA VAL B 286 -28.99 -15.78 -2.93
C VAL B 286 -29.31 -17.22 -2.63
N ASP B 287 -30.22 -17.80 -3.40
CA ASP B 287 -30.61 -19.20 -3.20
C ASP B 287 -29.44 -20.14 -3.42
N SER B 288 -28.50 -19.78 -4.29
CA SER B 288 -27.31 -20.63 -4.49
C SER B 288 -26.43 -20.54 -3.22
N CYS B 289 -26.25 -19.33 -2.69
CA CYS B 289 -25.42 -19.18 -1.49
C CYS B 289 -26.01 -19.88 -0.32
N LEU B 290 -27.35 -19.88 -0.26
CA LEU B 290 -28.02 -20.47 0.89
C LEU B 290 -28.44 -21.94 0.86
N GLN B 291 -27.71 -22.77 0.11
CA GLN B 291 -27.97 -24.20 0.10
C GLN B 291 -27.42 -24.66 1.47
N LYS B 292 -28.20 -25.38 2.28
CA LYS B 292 -27.74 -25.80 3.62
C LYS B 292 -26.71 -26.93 3.62
N ILE B 293 -26.70 -27.70 2.55
CA ILE B 293 -25.75 -28.79 2.44
C ILE B 293 -24.50 -28.27 1.73
N PRO B 294 -23.37 -28.22 2.44
CA PRO B 294 -22.11 -27.72 1.86
C PRO B 294 -21.85 -28.18 0.44
N GLN B 295 -22.06 -29.46 0.19
CA GLN B 295 -21.83 -30.03 -1.14
C GLN B 295 -22.69 -29.38 -2.23
N ASP B 296 -23.85 -28.85 -1.86
CA ASP B 296 -24.68 -28.21 -2.88
C ASP B 296 -24.35 -26.73 -3.05
N ARG B 297 -23.67 -26.17 -2.07
CA ARG B 297 -23.33 -24.75 -2.16
C ARG B 297 -22.06 -24.53 -3.01
N PRO B 298 -22.11 -23.62 -3.98
CA PRO B 298 -20.94 -23.36 -4.83
C PRO B 298 -19.86 -22.69 -3.98
N THR B 299 -18.64 -22.66 -4.51
CA THR B 299 -17.50 -22.04 -3.82
C THR B 299 -17.50 -20.57 -4.19
N SER B 300 -16.71 -19.75 -3.50
CA SER B 300 -16.64 -18.33 -3.90
C SER B 300 -16.12 -18.17 -5.33
N GLU B 301 -15.15 -19.00 -5.68
CA GLU B 301 -14.57 -18.97 -7.01
C GLU B 301 -15.65 -19.21 -8.09
N VAL B 302 -16.48 -20.23 -7.88
CA VAL B 302 -17.55 -20.51 -8.86
C VAL B 302 -18.52 -19.31 -8.90
N LEU B 303 -18.85 -18.76 -7.74
CA LEU B 303 -19.80 -17.64 -7.71
C LEU B 303 -19.32 -16.40 -8.45
N LEU B 304 -18.00 -16.29 -8.68
CA LEU B 304 -17.46 -15.13 -9.39
C LEU B 304 -17.92 -15.03 -10.85
N LYS B 305 -18.43 -16.14 -11.36
CA LYS B 305 -18.93 -16.22 -12.72
C LYS B 305 -20.47 -16.11 -12.77
N HIS B 306 -21.12 -15.99 -11.60
CA HIS B 306 -22.58 -15.91 -11.56
C HIS B 306 -23.13 -14.67 -12.26
N ARG B 307 -24.21 -14.87 -12.99
CA ARG B 307 -24.84 -13.78 -13.73
C ARG B 307 -25.21 -12.55 -12.89
N PHE B 308 -25.47 -12.72 -11.59
CA PHE B 308 -25.84 -11.58 -10.74
C PHE B 308 -24.66 -10.61 -10.71
N VAL B 309 -23.51 -11.18 -10.43
CA VAL B 309 -22.26 -10.47 -10.30
C VAL B 309 -21.64 -9.97 -11.62
N LEU B 310 -21.91 -10.67 -12.71
CA LEU B 310 -21.37 -10.28 -14.01
C LEU B 310 -22.24 -9.31 -14.80
N ARG B 311 -23.52 -9.20 -14.45
CA ARG B 311 -24.39 -8.29 -15.18
C ARG B 311 -23.76 -6.89 -15.14
N GLU B 312 -23.66 -6.25 -16.30
CA GLU B 312 -23.05 -4.94 -16.44
C GLU B 312 -23.75 -3.85 -15.63
N ARG B 313 -22.96 -2.96 -15.05
CA ARG B 313 -23.48 -1.86 -14.26
C ARG B 313 -22.59 -0.63 -14.46
N PRO B 314 -23.12 0.59 -14.19
CA PRO B 314 -22.31 1.80 -14.35
C PRO B 314 -21.01 1.63 -13.57
N PRO B 315 -19.90 2.17 -14.07
CA PRO B 315 -18.65 2.01 -13.33
C PRO B 315 -18.59 2.88 -12.07
N THR B 316 -19.52 3.82 -11.98
CA THR B 316 -19.57 4.72 -10.85
C THR B 316 -20.54 4.33 -9.73
N VAL B 317 -21.12 3.13 -9.80
CA VAL B 317 -22.10 2.71 -8.79
C VAL B 317 -21.69 2.91 -7.31
N ILE B 318 -20.52 2.38 -6.92
CA ILE B 318 -20.03 2.49 -5.54
C ILE B 318 -19.75 3.93 -5.14
N MET B 319 -19.09 4.63 -6.06
CA MET B 319 -18.74 6.04 -5.87
C MET B 319 -20.03 6.87 -5.68
N ASP B 320 -21.02 6.62 -6.53
CA ASP B 320 -22.30 7.34 -6.46
C ASP B 320 -23.04 7.00 -5.17
N LEU B 321 -22.97 5.74 -4.76
CA LEU B 321 -23.60 5.30 -3.52
C LEU B 321 -22.94 6.03 -2.32
N ILE B 322 -21.60 6.18 -2.35
CA ILE B 322 -20.89 6.87 -1.28
C ILE B 322 -21.33 8.31 -1.27
N GLN B 323 -21.27 8.92 -2.45
CA GLN B 323 -21.69 10.31 -2.61
C GLN B 323 -23.10 10.57 -2.10
N ARG B 324 -24.04 9.75 -2.54
CA ARG B 324 -25.41 9.96 -2.10
C ARG B 324 -25.57 9.71 -0.58
N THR B 325 -24.71 8.89 -0.01
CA THR B 325 -24.78 8.62 1.43
C THR B 325 -24.23 9.84 2.21
N LYS B 326 -23.16 10.43 1.72
CA LYS B 326 -22.57 11.61 2.35
C LYS B 326 -23.61 12.72 2.39
N ASP B 327 -24.21 12.98 1.23
CA ASP B 327 -25.23 14.00 1.07
C ASP B 327 -26.33 13.80 2.11
N ALA B 328 -26.83 12.58 2.21
CA ALA B 328 -27.88 12.27 3.17
C ALA B 328 -27.48 12.57 4.61
N VAL B 329 -26.25 12.22 4.99
CA VAL B 329 -25.82 12.46 6.36
C VAL B 329 -25.80 13.96 6.69
N ARG B 330 -25.44 14.79 5.72
CA ARG B 330 -25.43 16.22 5.99
C ARG B 330 -26.83 16.73 6.36
N GLU B 331 -27.87 16.09 5.84
CA GLU B 331 -29.22 16.53 6.11
C GLU B 331 -29.81 15.97 7.41
N LEU B 332 -29.16 14.97 8.00
CA LEU B 332 -29.67 14.39 9.24
C LEU B 332 -29.95 15.47 10.31
N ASP B 333 -31.06 15.34 11.05
CA ASP B 333 -31.42 16.32 12.08
C ASP B 333 -30.56 16.28 13.33
N ASN B 334 -30.09 17.46 13.78
CA ASN B 334 -29.27 17.54 14.98
C ASN B 334 -28.05 16.65 14.73
N LEU B 335 -27.33 16.94 13.64
CA LEU B 335 -26.15 16.19 13.19
C LEU B 335 -25.06 15.89 14.23
N GLN B 336 -24.68 16.91 14.99
CA GLN B 336 -23.64 16.77 16.02
C GLN B 336 -23.94 15.64 16.99
N TYR B 337 -25.21 15.26 17.09
CA TYR B 337 -25.61 14.20 17.99
C TYR B 337 -26.00 12.89 17.29
N ARG B 338 -25.94 12.90 15.96
CA ARG B 338 -26.25 11.71 15.15
C ARG B 338 -24.97 10.90 14.90
N LYS B 339 -24.94 9.69 15.47
CA LYS B 339 -23.80 8.78 15.33
C LYS B 339 -23.29 8.60 13.90
N MET B 340 -24.20 8.64 12.93
CA MET B 340 -23.77 8.47 11.56
C MET B 340 -22.95 9.65 11.04
N LYS B 341 -22.70 10.66 11.89
CA LYS B 341 -21.91 11.80 11.40
C LYS B 341 -20.46 11.33 11.13
N LYS B 342 -20.07 10.18 11.70
CA LYS B 342 -18.75 9.60 11.51
C LYS B 342 -18.40 9.51 10.02
N ILE B 343 -19.41 9.33 9.16
CA ILE B 343 -19.17 9.23 7.73
C ILE B 343 -18.44 10.46 7.21
N LEU B 344 -18.67 11.59 7.88
CA LEU B 344 -18.06 12.85 7.51
C LEU B 344 -16.85 13.25 8.37
N PHE B 345 -16.34 12.35 9.22
CA PHE B 345 -15.20 12.69 10.05
C PHE B 345 -14.01 13.24 9.24
N GLN B 346 -13.69 12.63 8.09
CA GLN B 346 -12.56 13.11 7.30
C GLN B 346 -12.66 14.60 6.94
N GLU B 347 -13.86 15.15 7.00
CA GLU B 347 -14.06 16.54 6.67
C GLU B 347 -13.88 17.32 7.97
N ALA B 348 -13.56 16.55 9.01
CA ALA B 348 -13.30 17.02 10.37
C ALA B 348 -13.82 18.39 10.69
#